data_4YXB
#
_entry.id   4YXB
#
_cell.length_a   75.150
_cell.length_b   81.500
_cell.length_c   89.960
_cell.angle_alpha   90.000
_cell.angle_beta   90.000
_cell.angle_gamma   90.000
#
_symmetry.space_group_name_H-M   'P 21 21 21'
#
loop_
_entity.id
_entity.type
_entity.pdbx_description
1 polymer 'Flagellar motor switch protein FliM,Flagellar motor switch protein FliN'
2 polymer 'FliM::FliN fragment'
3 polymer 'FliM::FliN fragment'
4 polymer 'Ambiguous peptide density'
5 non-polymer IMIDAZOLE
6 water water
#
loop_
_entity_poly.entity_id
_entity_poly.type
_entity_poly.pdbx_seq_one_letter_code
_entity_poly.pdbx_strand_id
1 'polypeptide(L)'
;GPVDNWRDNLVRQVQHSELELVANFADIPLRLSQILKLKPGDVLPIEKPDRIIAHVDGVPVLTSQYGTVNGQYALRVEHL
INPILNSLNEEQPKNNPSDENTGALDDLWADALNEQKATTTKSAADAVFQQLGGGDVSGA(MSE)QDIDLI(MSE)DIPV
KLTVELGRTR(MSE)TIKELLRLTQGSVVALDGLAGEPLDILINGYLIAQGEVVVVADKYGVRITDIITPSER(MSE)RR
LSR
;
A,B
2 'polypeptide(L)' VFQQLG C
3 'polypeptide(L)'
;GALDDLWADELGRTR(MSE)TIKELLRLTQGSVVALDGLAGEPLDILINGYLIAQGEVVVVADKYGVRITDIITPSER
(MSE)RRLSR
;
D
4 'polypeptide(L)' (UNK)(UNK)(UNK)(UNK)(UNK)(UNK) E
#
# COMPACT_ATOMS: atom_id res chain seq x y z
N GLU A 18 -11.96 -3.20 21.14
CA GLU A 18 -12.84 -3.28 19.98
C GLU A 18 -12.13 -2.86 18.67
N LEU A 19 -10.82 -3.13 18.57
CA LEU A 19 -9.99 -2.64 17.46
C LEU A 19 -8.73 -3.49 17.23
N GLU A 20 -8.38 -3.73 15.97
CA GLU A 20 -7.24 -4.62 15.66
C GLU A 20 -6.06 -3.92 14.96
N LEU A 21 -4.88 -4.04 15.57
CA LEU A 21 -3.67 -3.40 15.06
C LEU A 21 -2.82 -4.43 14.31
N VAL A 22 -2.78 -4.33 12.99
CA VAL A 22 -2.01 -5.28 12.21
C VAL A 22 -0.63 -4.75 11.83
N ALA A 23 0.38 -5.57 12.02
CA ALA A 23 1.74 -5.19 11.67
C ALA A 23 2.24 -5.99 10.47
N ASN A 24 2.34 -5.35 9.30
CA ASN A 24 2.84 -6.03 8.12
C ASN A 24 4.34 -6.08 8.11
N PHE A 25 4.85 -7.25 7.77
CA PHE A 25 6.28 -7.45 7.69
C PHE A 25 6.82 -7.20 6.30
N ALA A 26 6.06 -7.68 5.32
CA ALA A 26 6.43 -7.54 3.92
C ALA A 26 5.20 -7.68 3.04
N ASP A 27 5.16 -6.90 1.98
CA ASP A 27 4.17 -7.04 0.92
C ASP A 27 4.87 -7.61 -0.30
N ILE A 28 4.44 -8.76 -0.78
CA ILE A 28 5.12 -9.36 -1.93
C ILE A 28 4.20 -9.43 -3.15
N PRO A 29 4.47 -8.60 -4.17
CA PRO A 29 3.62 -8.63 -5.37
C PRO A 29 3.94 -9.84 -6.25
N LEU A 30 2.95 -10.69 -6.48
CA LEU A 30 3.13 -11.85 -7.33
C LEU A 30 2.01 -11.97 -8.39
N ARG A 31 2.20 -12.91 -9.32
CA ARG A 31 1.20 -13.25 -10.29
C ARG A 31 0.46 -14.49 -9.84
N LEU A 32 -0.80 -14.63 -10.25
CA LEU A 32 -1.61 -15.75 -9.84
C LEU A 32 -0.86 -17.05 -10.00
N SER A 33 -0.15 -17.22 -11.11
CA SER A 33 0.54 -18.47 -11.36
C SER A 33 1.59 -18.76 -10.27
N GLN A 34 2.31 -17.74 -9.84
CA GLN A 34 3.30 -17.96 -8.79
C GLN A 34 2.60 -18.38 -7.50
N ILE A 35 1.50 -17.68 -7.18
CA ILE A 35 0.68 -18.03 -6.03
C ILE A 35 0.30 -19.50 -6.03
N LEU A 36 -0.24 -19.98 -7.15
CA LEU A 36 -0.72 -21.37 -7.21
C LEU A 36 0.41 -22.39 -7.30
N LYS A 37 1.63 -21.95 -7.59
CA LYS A 37 2.76 -22.87 -7.70
C LYS A 37 3.60 -22.91 -6.38
N LEU A 38 3.34 -22.00 -5.46
CA LEU A 38 4.06 -21.98 -4.20
C LEU A 38 3.94 -23.34 -3.51
N LYS A 39 4.99 -23.75 -2.80
CA LYS A 39 5.03 -25.02 -2.10
C LYS A 39 5.96 -24.84 -0.94
N PRO A 40 5.78 -25.65 0.13
CA PRO A 40 6.65 -25.57 1.32
C PRO A 40 8.14 -25.72 0.97
N GLY A 41 8.99 -24.87 1.54
CA GLY A 41 10.40 -24.90 1.22
C GLY A 41 10.84 -23.78 0.31
N ASP A 42 9.92 -23.26 -0.50
CA ASP A 42 10.17 -22.05 -1.30
C ASP A 42 10.49 -20.83 -0.46
N VAL A 43 11.49 -20.08 -0.89
CA VAL A 43 11.85 -18.87 -0.18
C VAL A 43 11.55 -17.68 -1.08
N LEU A 44 10.77 -16.73 -0.56
CA LEU A 44 10.36 -15.57 -1.31
C LEU A 44 11.20 -14.40 -0.89
N PRO A 45 11.99 -13.86 -1.82
CA PRO A 45 12.84 -12.72 -1.49
C PRO A 45 12.02 -11.50 -1.05
N ILE A 46 12.49 -10.79 -0.03
CA ILE A 46 11.85 -9.59 0.47
C ILE A 46 12.88 -8.53 0.82
N GLU A 47 12.44 -7.28 0.87
CA GLU A 47 13.31 -6.18 1.24
C GLU A 47 13.48 -6.21 2.75
N LYS A 48 14.70 -5.97 3.22
CA LYS A 48 14.94 -5.87 4.65
C LYS A 48 14.00 -4.80 5.15
N PRO A 49 13.09 -5.16 6.04
CA PRO A 49 12.16 -4.13 6.53
C PRO A 49 12.82 -3.31 7.64
N ASP A 50 13.17 -2.07 7.30
CA ASP A 50 13.71 -1.17 8.30
C ASP A 50 12.57 -0.82 9.24
N ARG A 51 11.65 -0.03 8.70
CA ARG A 51 10.47 0.45 9.39
C ARG A 51 9.33 -0.55 9.29
N ILE A 52 8.33 -0.41 10.15
CA ILE A 52 7.13 -1.21 10.02
C ILE A 52 5.93 -0.33 10.22
N ILE A 53 5.04 -0.33 9.23
CA ILE A 53 3.84 0.48 9.31
C ILE A 53 2.72 -0.38 9.85
N ALA A 54 2.05 0.08 10.90
CA ALA A 54 0.99 -0.72 11.50
C ALA A 54 -0.29 -0.16 10.98
N HIS A 55 -1.30 -1.02 10.84
CA HIS A 55 -2.54 -0.61 10.18
C HIS A 55 -3.70 -0.98 11.05
N VAL A 56 -4.82 -0.30 10.82
CA VAL A 56 -6.08 -0.60 11.47
C VAL A 56 -7.15 -0.60 10.38
N ASP A 57 -7.70 -1.78 10.11
CA ASP A 57 -8.65 -1.98 9.00
C ASP A 57 -8.13 -1.41 7.68
N GLY A 58 -6.82 -1.43 7.49
CA GLY A 58 -6.24 -1.05 6.22
C GLY A 58 -5.49 0.25 6.22
N VAL A 59 -5.66 1.03 7.27
CA VAL A 59 -5.18 2.41 7.27
C VAL A 59 -3.99 2.57 8.19
N PRO A 60 -2.87 3.08 7.65
CA PRO A 60 -1.67 3.27 8.47
C PRO A 60 -1.98 4.18 9.66
N VAL A 61 -1.51 3.82 10.86
CA VAL A 61 -1.70 4.66 12.03
C VAL A 61 -0.39 4.93 12.76
N LEU A 62 0.63 4.16 12.43
CA LEU A 62 1.93 4.45 13.03
C LEU A 62 3.04 3.72 12.30
N THR A 63 4.24 4.28 12.41
CA THR A 63 5.44 3.58 11.99
C THR A 63 6.19 3.18 13.25
N SER A 64 7.11 2.24 13.13
CA SER A 64 7.78 1.69 14.30
C SER A 64 8.92 0.77 13.90
N GLN A 65 9.86 0.58 14.84
CA GLN A 65 10.89 -0.45 14.70
C GLN A 65 10.30 -1.73 15.29
N TYR A 66 10.97 -2.86 15.10
CA TYR A 66 10.36 -4.13 15.56
C TYR A 66 11.36 -5.06 16.23
N GLY A 67 10.85 -5.89 17.14
CA GLY A 67 11.65 -6.92 17.78
C GLY A 67 10.83 -7.71 18.77
N THR A 68 11.47 -8.15 19.87
CA THR A 68 10.84 -9.03 20.85
C THR A 68 10.78 -8.50 22.29
N VAL A 69 9.80 -8.97 23.05
CA VAL A 69 9.72 -8.69 24.48
C VAL A 69 8.83 -9.69 25.25
N ASN A 70 9.45 -10.57 26.02
CA ASN A 70 10.86 -10.88 25.85
C ASN A 70 10.91 -12.02 24.85
N GLY A 71 9.84 -12.83 24.85
CA GLY A 71 9.65 -13.88 23.86
C GLY A 71 8.55 -13.62 22.81
N GLN A 72 7.86 -12.49 22.91
CA GLN A 72 6.82 -12.12 21.96
C GLN A 72 7.32 -11.06 20.96
N TYR A 73 6.84 -11.10 19.71
CA TYR A 73 7.16 -10.01 18.77
C TYR A 73 6.46 -8.74 19.25
N ALA A 74 7.13 -7.60 19.03
CA ALA A 74 6.60 -6.32 19.47
C ALA A 74 7.04 -5.16 18.60
N LEU A 75 6.32 -4.05 18.69
CA LEU A 75 6.70 -2.83 17.99
C LEU A 75 7.19 -1.78 18.98
N ARG A 76 8.28 -1.10 18.66
CA ARG A 76 8.66 0.12 19.39
C ARG A 76 8.25 1.36 18.55
N VAL A 77 7.11 1.95 18.90
CA VAL A 77 6.54 3.08 18.14
C VAL A 77 7.53 4.21 17.88
N GLU A 78 7.64 4.66 16.64
CA GLU A 78 8.51 5.82 16.35
C GLU A 78 7.69 7.04 15.95
N HIS A 79 6.50 6.82 15.41
CA HIS A 79 5.72 7.94 14.91
C HIS A 79 4.24 7.60 14.79
N LEU A 80 3.40 8.44 15.39
CA LEU A 80 1.96 8.27 15.30
C LEU A 80 1.38 9.21 14.24
N ILE A 81 0.48 8.69 13.43
CA ILE A 81 -0.14 9.48 12.38
C ILE A 81 -1.42 10.04 12.96
N ASN A 82 -1.26 11.17 13.66
CA ASN A 82 -2.32 11.73 14.50
C ASN A 82 -3.69 11.93 13.83
N PRO A 83 -3.74 12.52 12.62
CA PRO A 83 -5.08 12.80 12.07
C PRO A 83 -5.94 11.57 11.93
N ILE A 84 -5.31 10.42 11.72
CA ILE A 84 -6.04 9.21 11.46
C ILE A 84 -6.44 8.58 12.79
N LEU A 85 -5.51 8.57 13.74
CA LEU A 85 -5.78 8.08 15.08
C LEU A 85 -6.91 8.88 15.76
N ASN A 86 -6.83 10.20 15.66
CA ASN A 86 -7.82 11.09 16.27
C ASN A 86 -9.17 11.03 15.58
N SER A 87 -9.18 10.51 14.35
CA SER A 87 -10.42 10.37 13.62
C SER A 87 -11.06 9.03 13.89
N LEU A 88 -10.25 8.06 14.32
CA LEU A 88 -10.76 6.79 14.81
C LEU A 88 -11.56 7.06 16.08
N ASN A 89 -11.14 8.10 16.81
CA ASN A 89 -11.80 8.48 18.04
C ASN A 89 -13.22 8.98 17.81
N GLU A 90 -13.41 9.80 16.77
CA GLU A 90 -14.71 10.34 16.41
C GLU A 90 -15.61 9.30 15.73
N ALA A 140 -3.25 -26.47 -14.20
CA ALA A 140 -4.21 -26.97 -15.19
C ALA A 140 -4.48 -25.94 -16.28
N GLN A 142 -1.91 -23.14 -19.03
CA GLN A 142 -0.56 -22.65 -19.40
C GLN A 142 -0.11 -21.33 -18.78
N ASP A 143 1.21 -21.20 -18.59
CA ASP A 143 1.75 -20.00 -17.96
C ASP A 143 1.66 -18.82 -18.92
N ILE A 144 1.53 -19.12 -20.21
CA ILE A 144 1.38 -18.10 -21.23
C ILE A 144 0.04 -17.33 -21.07
N ASP A 145 -0.93 -17.99 -20.47
CA ASP A 145 -2.28 -17.45 -20.26
C ASP A 145 -2.30 -16.15 -19.45
N LEU A 146 -2.96 -15.11 -19.98
CA LEU A 146 -3.02 -13.81 -19.31
C LEU A 146 -3.62 -13.88 -17.91
N ILE A 147 -4.52 -14.84 -17.73
CA ILE A 147 -5.18 -14.99 -16.44
C ILE A 147 -4.10 -15.29 -15.38
N ASP A 149 -1.25 -14.25 -15.19
CA ASP A 149 -0.40 -13.08 -14.93
C ASP A 149 -1.09 -12.01 -14.09
N ILE A 150 -2.30 -12.30 -13.63
CA ILE A 150 -3.05 -11.35 -12.81
C ILE A 150 -2.32 -11.13 -11.48
N PRO A 151 -2.17 -9.87 -11.08
CA PRO A 151 -1.52 -9.54 -9.80
C PRO A 151 -2.27 -10.06 -8.59
N VAL A 152 -1.54 -10.71 -7.69
CA VAL A 152 -2.07 -11.05 -6.38
C VAL A 152 -1.05 -10.57 -5.37
N LYS A 153 -1.46 -9.69 -4.46
CA LYS A 153 -0.55 -9.21 -3.42
C LYS A 153 -0.46 -10.28 -2.32
N LEU A 154 0.75 -10.59 -1.90
CA LEU A 154 0.93 -11.58 -0.85
C LEU A 154 1.47 -10.87 0.39
N THR A 155 0.77 -11.00 1.49
CA THR A 155 1.13 -10.25 2.67
C THR A 155 1.71 -11.16 3.75
N VAL A 156 2.86 -10.78 4.28
CA VAL A 156 3.42 -11.43 5.47
C VAL A 156 3.22 -10.55 6.71
N GLU A 157 2.37 -10.97 7.64
CA GLU A 157 2.17 -10.17 8.87
C GLU A 157 3.21 -10.51 9.93
N LEU A 158 3.78 -9.48 10.56
CA LEU A 158 4.70 -9.75 11.68
C LEU A 158 3.86 -10.20 12.88
N GLY A 159 2.64 -9.67 12.99
CA GLY A 159 1.72 -10.06 14.06
C GLY A 159 0.65 -9.01 14.32
N ARG A 160 -0.33 -9.35 15.16
CA ARG A 160 -1.44 -8.47 15.47
C ARG A 160 -1.65 -8.28 16.98
N THR A 161 -2.56 -7.36 17.31
CA THR A 161 -2.97 -7.16 18.69
C THR A 161 -4.30 -6.47 18.69
N ARG A 162 -5.17 -6.89 19.59
CA ARG A 162 -6.47 -6.25 19.69
C ARG A 162 -6.32 -5.15 20.74
N THR A 164 -8.17 -1.24 22.49
CA THR A 164 -9.22 -0.25 22.59
C THR A 164 -8.70 1.07 22.03
N ILE A 165 -9.59 1.82 21.40
CA ILE A 165 -9.26 3.13 20.83
C ILE A 165 -8.50 3.97 21.86
N LYS A 166 -8.99 3.92 23.09
CA LYS A 166 -8.36 4.59 24.22
C LYS A 166 -6.88 4.20 24.38
N GLU A 167 -6.60 2.90 24.49
CA GLU A 167 -5.22 2.42 24.69
C GLU A 167 -4.35 2.77 23.49
N LEU A 168 -4.99 2.78 22.32
CA LEU A 168 -4.35 3.14 21.07
C LEU A 168 -3.90 4.60 21.08
N LEU A 169 -4.81 5.49 21.48
CA LEU A 169 -4.52 6.92 21.58
C LEU A 169 -3.54 7.25 22.70
N ARG A 170 -3.32 6.31 23.60
CA ARG A 170 -2.43 6.52 24.74
C ARG A 170 -0.97 6.26 24.34
N LEU A 171 -0.80 5.68 23.14
CA LEU A 171 0.51 5.39 22.61
C LEU A 171 1.30 6.66 22.35
N THR A 172 2.63 6.55 22.42
CA THR A 172 3.54 7.65 22.08
C THR A 172 4.87 7.07 21.60
N GLN A 173 5.66 7.90 20.94
CA GLN A 173 7.03 7.52 20.58
C GLN A 173 7.69 6.80 21.75
N GLY A 174 8.31 5.67 21.46
CA GLY A 174 8.87 4.83 22.50
C GLY A 174 8.01 3.68 23.00
N SER A 175 6.67 3.85 23.05
CA SER A 175 5.78 2.76 23.45
C SER A 175 6.21 1.41 22.85
N VAL A 176 6.21 0.36 23.67
CA VAL A 176 6.49 -0.99 23.19
C VAL A 176 5.22 -1.83 23.20
N VAL A 177 4.65 -2.05 22.01
CA VAL A 177 3.43 -2.83 21.85
C VAL A 177 3.74 -4.28 21.47
N ALA A 178 3.35 -5.22 22.31
CA ALA A 178 3.61 -6.64 22.03
C ALA A 178 2.51 -7.18 21.13
N LEU A 179 2.91 -8.05 20.22
CA LEU A 179 1.95 -8.59 19.28
C LEU A 179 1.62 -10.01 19.69
N ASP A 180 0.43 -10.45 19.33
CA ASP A 180 -0.11 -11.73 19.78
C ASP A 180 0.59 -12.95 19.18
N GLY A 181 1.90 -12.90 18.99
CA GLY A 181 2.61 -14.07 18.48
C GLY A 181 4.04 -14.23 18.97
N LEU A 182 4.41 -15.46 19.28
CA LEU A 182 5.78 -15.77 19.74
C LEU A 182 6.83 -15.67 18.63
N ALA A 183 7.95 -15.02 18.93
CA ALA A 183 9.06 -15.00 17.99
C ALA A 183 9.50 -16.42 17.70
N GLY A 184 10.08 -16.64 16.52
CA GLY A 184 10.53 -17.97 16.15
C GLY A 184 9.44 -18.92 15.67
N GLU A 185 8.19 -18.63 16.06
CA GLU A 185 7.04 -19.29 15.44
C GLU A 185 6.64 -18.60 14.09
N PRO A 186 6.33 -19.39 13.06
CA PRO A 186 6.07 -18.91 11.69
C PRO A 186 5.05 -17.77 11.58
N LEU A 187 5.35 -16.79 10.74
CA LEU A 187 4.44 -15.69 10.47
C LEU A 187 3.27 -16.11 9.56
N ASP A 188 2.14 -15.44 9.74
CA ASP A 188 0.99 -15.58 8.87
C ASP A 188 1.24 -14.98 7.49
N ILE A 189 0.82 -15.70 6.47
CA ILE A 189 0.86 -15.23 5.11
C ILE A 189 -0.53 -15.21 4.49
N LEU A 190 -0.92 -14.06 3.94
CA LEU A 190 -2.28 -13.84 3.45
C LEU A 190 -2.31 -13.36 2.02
N ILE A 191 -3.34 -13.75 1.29
CA ILE A 191 -3.67 -13.06 0.04
C ILE A 191 -5.10 -12.59 0.14
N ASN A 192 -5.36 -11.37 -0.35
CA ASN A 192 -6.73 -10.86 -0.37
C ASN A 192 -7.32 -10.95 1.04
N GLY A 193 -6.50 -10.57 2.03
CA GLY A 193 -6.84 -10.67 3.44
C GLY A 193 -7.16 -12.04 4.05
N TYR A 194 -7.02 -13.11 3.29
CA TYR A 194 -7.32 -14.44 3.82
C TYR A 194 -6.01 -15.20 4.09
N LEU A 195 -5.94 -15.91 5.21
CA LEU A 195 -4.75 -16.66 5.60
C LEU A 195 -4.59 -17.87 4.73
N ILE A 196 -3.46 -17.99 4.03
CA ILE A 196 -3.28 -19.14 3.15
C ILE A 196 -1.98 -19.91 3.39
N ALA A 197 -1.09 -19.40 4.24
CA ALA A 197 0.16 -20.11 4.52
C ALA A 197 0.89 -19.59 5.75
N GLN A 198 1.94 -20.32 6.15
CA GLN A 198 2.83 -19.88 7.21
C GLN A 198 4.22 -19.77 6.62
N GLY A 199 5.01 -18.86 7.17
CA GLY A 199 6.36 -18.70 6.67
C GLY A 199 7.31 -18.24 7.74
N GLU A 200 8.60 -18.55 7.57
CA GLU A 200 9.61 -18.16 8.54
C GLU A 200 10.65 -17.26 7.90
N VAL A 201 11.06 -16.23 8.64
CA VAL A 201 12.11 -15.34 8.15
C VAL A 201 13.46 -16.05 8.06
N VAL A 202 14.18 -15.75 6.99
CA VAL A 202 15.41 -16.43 6.65
C VAL A 202 16.36 -15.35 6.22
N VAL A 203 17.58 -15.35 6.75
CA VAL A 203 18.57 -14.37 6.32
C VAL A 203 19.85 -15.06 5.84
N VAL A 204 20.28 -14.73 4.63
CA VAL A 204 21.51 -15.29 4.08
C VAL A 204 22.35 -14.18 3.48
N ALA A 205 23.51 -13.90 4.09
CA ALA A 205 24.36 -12.80 3.62
C ALA A 205 23.57 -11.50 3.57
N ASP A 206 22.83 -11.25 4.65
CA ASP A 206 21.97 -10.07 4.83
C ASP A 206 20.81 -9.83 3.83
N LYS A 207 20.70 -10.65 2.79
CA LYS A 207 19.48 -10.64 2.01
C LYS A 207 18.36 -11.41 2.74
N TYR A 208 17.20 -10.78 2.95
CA TYR A 208 16.07 -11.42 3.64
C TYR A 208 15.13 -12.20 2.75
N GLY A 209 14.44 -13.18 3.32
CA GLY A 209 13.47 -13.96 2.58
C GLY A 209 12.48 -14.57 3.55
N VAL A 210 11.34 -15.00 3.04
CA VAL A 210 10.37 -15.73 3.84
C VAL A 210 10.26 -17.16 3.31
N ARG A 211 10.46 -18.16 4.17
CA ARG A 211 10.36 -19.54 3.67
C ARG A 211 9.01 -20.11 4.03
N ILE A 212 8.34 -20.70 3.04
CA ILE A 212 7.03 -21.27 3.23
C ILE A 212 7.18 -22.56 4.02
N THR A 213 6.54 -22.62 5.18
CA THR A 213 6.60 -23.83 6.01
C THR A 213 5.35 -24.68 5.82
N ASP A 214 4.20 -24.04 5.77
CA ASP A 214 2.95 -24.76 5.56
C ASP A 214 2.13 -23.93 4.60
N ILE A 215 1.27 -24.56 3.80
CA ILE A 215 0.44 -23.82 2.83
C ILE A 215 -0.77 -24.61 2.36
N ILE A 216 -1.92 -23.97 2.22
CA ILE A 216 -3.10 -24.70 1.72
C ILE A 216 -2.91 -25.12 0.25
N THR A 217 -3.77 -26.00 -0.25
CA THR A 217 -3.61 -26.51 -1.61
C THR A 217 -3.79 -25.43 -2.67
N PRO A 218 -3.28 -25.67 -3.88
CA PRO A 218 -3.50 -24.66 -4.91
C PRO A 218 -4.98 -24.43 -5.13
N SER A 219 -5.77 -25.49 -5.02
CA SER A 219 -7.23 -25.37 -5.21
C SER A 219 -7.87 -24.45 -4.18
N GLU A 220 -7.50 -24.62 -2.92
CA GLU A 220 -8.08 -23.80 -1.85
C GLU A 220 -7.60 -22.34 -1.98
N ARG A 221 -6.36 -22.16 -2.42
CA ARG A 221 -5.84 -20.82 -2.70
C ARG A 221 -6.74 -20.13 -3.70
N ARG A 223 -9.78 -20.68 -4.38
CA ARG A 223 -11.13 -20.46 -3.86
C ARG A 223 -11.18 -19.35 -2.84
N ARG A 224 -10.18 -19.30 -1.97
CA ARG A 224 -10.09 -18.20 -1.01
C ARG A 224 -9.82 -16.86 -1.72
N LEU A 225 -9.06 -16.89 -2.80
CA LEU A 225 -8.81 -15.66 -3.54
C LEU A 225 -10.12 -15.09 -4.10
N SER A 226 -11.03 -15.93 -4.54
CA SER A 226 -12.19 -15.40 -5.23
C SER A 226 -13.49 -15.58 -4.46
N ARG A 227 -13.38 -15.72 -3.14
CA ARG A 227 -14.56 -15.78 -2.29
C ARG A 227 -15.30 -14.44 -2.36
N ASP B 4 37.21 5.08 -3.32
CA ASP B 4 38.62 5.31 -2.97
C ASP B 4 38.75 6.36 -1.88
N ASN B 5 39.98 6.72 -1.53
CA ASN B 5 40.26 7.81 -0.59
C ASN B 5 39.82 9.14 -1.19
N TRP B 6 38.54 9.20 -1.54
CA TRP B 6 38.03 10.03 -2.63
C TRP B 6 36.79 10.80 -2.20
N ARG B 7 35.71 10.05 -1.94
CA ARG B 7 34.45 10.63 -1.47
C ARG B 7 34.63 11.54 -0.25
N ASP B 8 35.72 11.34 0.48
CA ASP B 8 36.08 12.21 1.59
C ASP B 8 36.13 13.68 1.17
N ASN B 9 36.98 13.97 0.18
CA ASN B 9 37.24 15.34 -0.24
C ASN B 9 36.36 15.78 -1.42
N LEU B 10 35.17 15.19 -1.53
CA LEU B 10 34.37 15.34 -2.74
C LEU B 10 33.13 16.24 -2.57
N VAL B 11 32.87 17.07 -3.59
CA VAL B 11 31.78 18.06 -3.58
C VAL B 11 30.71 17.74 -4.63
N ARG B 12 29.53 17.31 -4.18
CA ARG B 12 28.52 16.80 -5.11
C ARG B 12 27.88 17.87 -6.02
N GLN B 13 27.75 17.52 -7.29
CA GLN B 13 26.97 18.35 -8.23
C GLN B 13 25.53 18.42 -7.79
N VAL B 14 24.81 19.43 -8.26
CA VAL B 14 23.39 19.50 -8.00
C VAL B 14 22.74 18.39 -8.82
N GLN B 15 22.03 17.52 -8.12
CA GLN B 15 21.31 16.42 -8.76
C GLN B 15 19.82 16.61 -8.50
N HIS B 16 19.13 17.23 -9.44
CA HIS B 16 17.73 17.59 -9.26
C HIS B 16 16.85 16.52 -9.88
N SER B 17 16.95 15.31 -9.32
CA SER B 17 16.11 14.19 -9.72
C SER B 17 14.76 14.23 -8.98
N GLU B 18 13.67 13.89 -9.68
CA GLU B 18 12.33 14.07 -9.13
C GLU B 18 11.57 12.81 -8.69
N LEU B 19 10.58 13.03 -7.82
CA LEU B 19 9.67 12.00 -7.36
C LEU B 19 8.27 12.35 -7.82
N GLU B 20 7.36 11.39 -7.81
CA GLU B 20 5.95 11.70 -7.99
C GLU B 20 5.20 11.51 -6.69
N LEU B 21 4.51 12.54 -6.27
CA LEU B 21 3.61 12.43 -5.15
C LEU B 21 2.26 12.03 -5.72
N VAL B 22 1.73 10.90 -5.32
CA VAL B 22 0.44 10.49 -5.82
C VAL B 22 -0.64 10.65 -4.74
N ALA B 23 -1.79 11.19 -5.14
CA ALA B 23 -2.93 11.38 -4.25
C ALA B 23 -4.13 10.63 -4.81
N ASN B 24 -4.64 9.64 -4.09
CA ASN B 24 -5.76 8.84 -4.58
C ASN B 24 -7.08 9.27 -4.01
N PHE B 25 -8.05 9.44 -4.88
CA PHE B 25 -9.37 9.78 -4.44
C PHE B 25 -10.05 8.57 -3.82
N ALA B 26 -10.08 7.46 -4.55
CA ALA B 26 -10.72 6.25 -4.04
C ALA B 26 -10.04 4.97 -4.51
N ASP B 27 -10.05 3.95 -3.66
CA ASP B 27 -9.71 2.58 -4.05
C ASP B 27 -10.97 1.74 -3.99
N ILE B 28 -11.21 0.97 -5.04
CA ILE B 28 -12.44 0.25 -5.19
C ILE B 28 -12.17 -1.19 -5.55
N PRO B 29 -12.57 -2.11 -4.68
CA PRO B 29 -12.55 -3.54 -4.98
C PRO B 29 -13.64 -3.93 -6.00
N LEU B 30 -13.22 -4.54 -7.08
CA LEU B 30 -14.15 -4.99 -8.11
C LEU B 30 -13.72 -6.39 -8.47
N ARG B 31 -14.48 -7.03 -9.34
CA ARG B 31 -14.10 -8.37 -9.73
C ARG B 31 -13.71 -8.35 -11.20
N LEU B 32 -12.89 -9.30 -11.60
CA LEU B 32 -12.33 -9.28 -12.95
C LEU B 32 -13.45 -9.17 -14.00
N SER B 33 -14.55 -9.89 -13.79
CA SER B 33 -15.69 -9.79 -14.70
C SER B 33 -16.18 -8.33 -14.77
N GLN B 34 -16.36 -7.69 -13.62
CA GLN B 34 -16.83 -6.31 -13.62
C GLN B 34 -15.85 -5.39 -14.36
N ILE B 35 -14.56 -5.68 -14.24
CA ILE B 35 -13.54 -4.88 -14.90
C ILE B 35 -13.69 -5.02 -16.40
N LEU B 36 -13.92 -6.24 -16.85
CA LEU B 36 -14.05 -6.50 -18.28
C LEU B 36 -15.37 -5.96 -18.87
N LYS B 37 -16.39 -5.82 -18.03
CA LYS B 37 -17.71 -5.37 -18.50
C LYS B 37 -17.98 -3.87 -18.21
N LEU B 38 -16.99 -3.14 -17.68
CA LEU B 38 -17.20 -1.71 -17.43
C LEU B 38 -17.45 -0.97 -18.73
N LYS B 39 -18.32 0.03 -18.68
CA LYS B 39 -18.67 0.80 -19.88
C LYS B 39 -18.97 2.24 -19.49
N PRO B 40 -18.77 3.19 -20.44
CA PRO B 40 -19.07 4.58 -20.11
C PRO B 40 -20.50 4.74 -19.63
N GLY B 41 -20.72 5.58 -18.62
CA GLY B 41 -22.02 5.72 -18.00
C GLY B 41 -22.14 4.96 -16.70
N ASP B 42 -21.38 3.87 -16.56
CA ASP B 42 -21.35 3.09 -15.31
C ASP B 42 -20.90 3.97 -14.13
N VAL B 43 -21.49 3.76 -12.96
CA VAL B 43 -21.17 4.57 -11.79
C VAL B 43 -20.61 3.72 -10.65
N LEU B 44 -19.44 4.10 -10.16
CA LEU B 44 -18.75 3.35 -9.11
C LEU B 44 -18.94 4.03 -7.78
N PRO B 45 -19.69 3.38 -6.88
CA PRO B 45 -20.00 3.95 -5.57
C PRO B 45 -18.78 4.14 -4.70
N ILE B 46 -18.57 5.35 -4.22
CA ILE B 46 -17.44 5.67 -3.34
C ILE B 46 -17.86 6.55 -2.18
N GLU B 47 -17.44 6.20 -0.98
CA GLU B 47 -17.58 7.13 0.13
C GLU B 47 -16.60 8.29 -0.09
N LYS B 48 -17.07 9.53 0.03
CA LYS B 48 -16.17 10.68 -0.13
C LYS B 48 -15.13 10.65 0.99
N PRO B 49 -13.85 10.86 0.63
CA PRO B 49 -12.76 10.80 1.61
C PRO B 49 -12.64 12.07 2.45
N ASP B 50 -12.47 11.92 3.75
CA ASP B 50 -12.37 13.06 4.65
C ASP B 50 -10.98 13.66 4.53
N ARG B 51 -10.07 12.92 3.91
CA ARG B 51 -8.69 13.33 3.76
C ARG B 51 -7.98 12.41 2.79
N ILE B 52 -6.82 12.84 2.32
CA ILE B 52 -6.05 12.03 1.39
C ILE B 52 -4.69 11.66 1.96
N ILE B 53 -4.32 10.39 1.85
CA ILE B 53 -2.96 9.98 2.17
C ILE B 53 -2.14 9.95 0.88
N ALA B 54 -1.12 10.77 0.81
CA ALA B 54 -0.37 10.90 -0.43
C ALA B 54 0.80 9.94 -0.38
N HIS B 55 1.05 9.26 -1.49
CA HIS B 55 2.09 8.24 -1.55
C HIS B 55 3.22 8.63 -2.46
N VAL B 56 4.43 8.17 -2.12
CA VAL B 56 5.52 8.14 -3.09
C VAL B 56 5.91 6.68 -3.33
N ASP B 57 5.82 6.24 -4.58
CA ASP B 57 6.07 4.85 -4.90
C ASP B 57 5.34 3.90 -3.98
N GLY B 58 4.06 4.19 -3.75
CA GLY B 58 3.23 3.31 -2.93
C GLY B 58 3.47 3.37 -1.43
N VAL B 59 4.48 4.14 -1.00
CA VAL B 59 4.66 4.39 0.44
C VAL B 59 3.96 5.69 0.93
N PRO B 60 3.14 5.62 2.00
CA PRO B 60 2.51 6.87 2.44
C PRO B 60 3.55 7.86 2.98
N VAL B 61 3.42 9.15 2.67
CA VAL B 61 4.34 10.15 3.22
C VAL B 61 3.65 11.32 3.96
N LEU B 62 2.37 11.56 3.66
CA LEU B 62 1.64 12.65 4.31
C LEU B 62 0.13 12.47 4.24
N THR B 63 -0.60 13.02 5.21
CA THR B 63 -2.06 13.09 5.10
C THR B 63 -2.37 14.52 4.71
N SER B 64 -3.52 14.74 4.09
CA SER B 64 -3.80 16.03 3.49
C SER B 64 -5.27 16.24 3.29
N GLN B 65 -5.67 17.51 3.35
CA GLN B 65 -6.99 17.89 2.88
C GLN B 65 -6.84 18.14 1.41
N TYR B 66 -7.96 18.21 0.70
CA TYR B 66 -7.90 18.45 -0.72
C TYR B 66 -8.98 19.42 -1.18
N GLY B 67 -8.75 20.01 -2.35
CA GLY B 67 -9.64 20.99 -2.92
C GLY B 67 -9.05 21.53 -4.21
N THR B 68 -9.18 22.84 -4.43
CA THR B 68 -8.72 23.43 -5.67
C THR B 68 -7.86 24.66 -5.35
N VAL B 69 -6.94 24.98 -6.26
CA VAL B 69 -6.12 26.19 -6.23
C VAL B 69 -5.70 26.49 -7.67
N ASN B 70 -5.95 27.71 -8.13
CA ASN B 70 -5.65 28.10 -9.51
C ASN B 70 -6.32 27.18 -10.53
N GLY B 71 -7.52 26.70 -10.19
CA GLY B 71 -8.26 25.80 -11.05
C GLY B 71 -7.64 24.42 -11.19
N GLN B 72 -6.66 24.12 -10.35
CA GLN B 72 -6.04 22.80 -10.31
C GLN B 72 -6.53 22.06 -9.08
N TYR B 73 -6.58 20.74 -9.12
CA TYR B 73 -6.79 20.00 -7.88
C TYR B 73 -5.56 20.18 -6.98
N ALA B 74 -5.76 20.19 -5.66
CA ALA B 74 -4.65 20.51 -4.80
C ALA B 74 -4.81 19.87 -3.44
N LEU B 75 -3.70 19.76 -2.73
CA LEU B 75 -3.70 19.22 -1.38
C LEU B 75 -3.26 20.28 -0.40
N ARG B 76 -3.76 20.20 0.83
CA ARG B 76 -3.26 21.02 1.91
C ARG B 76 -2.67 20.08 2.93
N VAL B 77 -1.35 20.09 3.07
CA VAL B 77 -0.69 19.15 3.97
C VAL B 77 -1.18 19.22 5.41
N GLU B 78 -1.93 18.21 5.81
CA GLU B 78 -2.35 18.02 7.18
C GLU B 78 -1.22 17.55 8.10
N HIS B 79 -0.54 16.48 7.70
CA HIS B 79 0.42 15.82 8.58
C HIS B 79 1.53 15.14 7.78
N LEU B 80 2.77 15.35 8.21
CA LEU B 80 3.94 14.75 7.60
C LEU B 80 4.43 13.47 8.29
N ILE B 81 4.45 12.34 7.59
CA ILE B 81 4.96 11.11 8.20
C ILE B 81 6.48 11.15 8.18
N ASN B 82 7.04 11.84 9.17
CA ASN B 82 8.44 12.27 9.16
C ASN B 82 9.53 11.21 8.92
N PRO B 83 9.49 10.06 9.62
CA PRO B 83 10.56 9.08 9.40
C PRO B 83 10.61 8.61 7.95
N ILE B 84 9.46 8.48 7.32
CA ILE B 84 9.38 7.99 5.95
C ILE B 84 9.94 9.03 4.99
N LEU B 85 9.52 10.28 5.17
CA LEU B 85 10.09 11.42 4.43
C LEU B 85 11.61 11.48 4.58
N ASN B 86 12.10 11.45 5.83
CA ASN B 86 13.54 11.55 6.10
C ASN B 86 14.32 10.38 5.50
N SER B 87 13.72 9.21 5.45
CA SER B 87 14.38 8.08 4.85
C SER B 87 14.43 8.17 3.32
N LEU B 88 13.50 8.90 2.71
CA LEU B 88 13.52 9.12 1.26
C LEU B 88 14.79 9.86 0.94
N ASN B 89 15.08 10.81 1.81
CA ASN B 89 16.21 11.71 1.69
C ASN B 89 17.55 10.98 1.84
N GLU B 90 17.57 9.96 2.69
CA GLU B 90 18.76 9.15 2.93
C GLU B 90 18.71 7.80 2.17
N ASP B 143 -12.54 -23.94 -13.95
CA ASP B 143 -13.30 -23.20 -12.95
C ASP B 143 -13.51 -21.74 -13.39
N ILE B 144 -14.09 -21.59 -14.58
CA ILE B 144 -14.28 -20.29 -15.22
C ILE B 144 -14.88 -19.21 -14.33
N ASP B 145 -15.71 -19.60 -13.36
CA ASP B 145 -16.41 -18.63 -12.54
C ASP B 145 -15.58 -18.20 -11.34
N LEU B 146 -14.60 -19.02 -10.95
CA LEU B 146 -13.65 -18.59 -9.94
C LEU B 146 -12.82 -17.47 -10.56
N ILE B 147 -12.33 -17.75 -11.77
CA ILE B 147 -11.51 -16.80 -12.51
C ILE B 147 -12.16 -15.42 -12.59
N ASP B 149 -14.31 -14.17 -10.73
CA ASP B 149 -14.45 -13.60 -9.40
C ASP B 149 -13.15 -13.03 -8.82
N ILE B 150 -12.02 -13.22 -9.52
CA ILE B 150 -10.73 -12.74 -9.03
C ILE B 150 -10.75 -11.22 -8.75
N PRO B 151 -10.37 -10.82 -7.53
CA PRO B 151 -10.45 -9.41 -7.15
C PRO B 151 -9.39 -8.55 -7.85
N VAL B 152 -9.78 -7.33 -8.19
CA VAL B 152 -8.95 -6.40 -8.91
C VAL B 152 -9.23 -5.05 -8.30
N LYS B 153 -8.20 -4.37 -7.83
CA LYS B 153 -8.39 -3.06 -7.19
C LYS B 153 -8.42 -2.02 -8.29
N LEU B 154 -9.47 -1.22 -8.30
CA LEU B 154 -9.57 -0.15 -9.28
C LEU B 154 -9.32 1.14 -8.52
N THR B 155 -8.42 1.97 -9.05
CA THR B 155 -8.04 3.17 -8.35
C THR B 155 -8.46 4.44 -9.08
N VAL B 156 -9.16 5.32 -8.36
CA VAL B 156 -9.47 6.63 -8.89
C VAL B 156 -8.47 7.64 -8.34
N GLU B 157 -7.79 8.33 -9.23
CA GLU B 157 -6.66 9.15 -8.82
C GLU B 157 -6.96 10.65 -8.92
N LEU B 158 -6.83 11.38 -7.81
CA LEU B 158 -7.16 12.80 -7.81
C LEU B 158 -6.15 13.57 -8.63
N GLY B 159 -4.88 13.19 -8.48
CA GLY B 159 -3.82 13.78 -9.27
C GLY B 159 -2.47 13.50 -8.65
N ARG B 160 -1.42 13.86 -9.38
CA ARG B 160 -0.08 13.65 -8.90
C ARG B 160 0.85 14.77 -9.33
N THR B 161 1.99 14.93 -8.66
CA THR B 161 2.93 15.94 -9.10
C THR B 161 4.35 15.45 -8.94
N ARG B 162 5.27 16.03 -9.71
CA ARG B 162 6.67 15.70 -9.53
C ARG B 162 7.35 16.74 -8.65
N THR B 164 11.21 17.49 -6.27
CA THR B 164 12.53 17.07 -5.82
C THR B 164 12.38 16.66 -4.36
N ILE B 165 13.32 15.88 -3.85
CA ILE B 165 13.24 15.48 -2.46
C ILE B 165 13.38 16.73 -1.61
N LYS B 166 14.11 17.72 -2.12
CA LYS B 166 14.26 18.96 -1.40
C LYS B 166 12.90 19.60 -1.20
N GLU B 167 12.12 19.65 -2.28
CA GLU B 167 10.81 20.27 -2.23
C GLU B 167 9.92 19.53 -1.26
N LEU B 168 10.03 18.22 -1.28
CA LEU B 168 9.16 17.35 -0.51
C LEU B 168 9.49 17.52 0.98
N LEU B 169 10.78 17.57 1.30
CA LEU B 169 11.23 17.81 2.67
C LEU B 169 10.94 19.22 3.18
N ARG B 170 10.55 20.13 2.31
CA ARG B 170 10.27 21.47 2.78
C ARG B 170 8.79 21.65 3.09
N LEU B 171 7.97 20.67 2.71
CA LEU B 171 6.54 20.76 2.97
C LEU B 171 6.30 20.85 4.47
N THR B 172 5.22 21.50 4.87
CA THR B 172 4.83 21.55 6.29
C THR B 172 3.31 21.55 6.44
N GLN B 173 2.83 21.39 7.67
CA GLN B 173 1.40 21.56 7.95
C GLN B 173 1.02 22.90 7.41
N GLY B 174 0.18 22.92 6.39
CA GLY B 174 -0.19 24.18 5.77
C GLY B 174 0.06 24.19 4.27
N SER B 175 1.19 23.61 3.86
CA SER B 175 1.62 23.68 2.47
C SER B 175 0.52 23.25 1.54
N VAL B 176 0.35 24.01 0.48
CA VAL B 176 -0.66 23.70 -0.52
C VAL B 176 0.10 23.16 -1.72
N VAL B 177 -0.27 21.96 -2.15
CA VAL B 177 0.42 21.32 -3.25
C VAL B 177 -0.54 21.18 -4.40
N ALA B 178 -0.21 21.79 -5.53
CA ALA B 178 -1.06 21.71 -6.69
C ALA B 178 -0.76 20.44 -7.42
N LEU B 179 -1.81 19.77 -7.85
CA LEU B 179 -1.67 18.55 -8.61
C LEU B 179 -1.81 18.89 -10.07
N ASP B 180 -1.13 18.14 -10.93
CA ASP B 180 -1.18 18.41 -12.37
C ASP B 180 -2.46 17.82 -12.92
N GLY B 181 -3.01 18.45 -13.95
CA GLY B 181 -4.37 18.18 -14.37
C GLY B 181 -5.35 19.16 -13.75
N LEU B 182 -6.26 19.65 -14.58
CA LEU B 182 -7.15 20.73 -14.18
C LEU B 182 -8.39 20.24 -13.43
N ALA B 183 -8.83 21.04 -12.47
CA ALA B 183 -10.04 20.73 -11.73
C ALA B 183 -11.21 20.80 -12.69
N GLY B 184 -12.17 19.89 -12.53
CA GLY B 184 -13.32 19.89 -13.42
C GLY B 184 -13.17 18.97 -14.60
N GLU B 185 -11.93 18.77 -15.06
CA GLU B 185 -11.64 17.71 -16.02
C GLU B 185 -11.71 16.34 -15.28
N PRO B 186 -11.99 15.26 -16.01
CA PRO B 186 -12.23 13.97 -15.33
C PRO B 186 -10.97 13.30 -14.74
N LEU B 187 -11.18 12.43 -13.75
CA LEU B 187 -10.09 11.81 -12.99
C LEU B 187 -9.58 10.50 -13.62
N ASP B 188 -8.28 10.27 -13.51
CA ASP B 188 -7.69 9.07 -14.07
C ASP B 188 -8.09 7.83 -13.30
N ILE B 189 -8.36 6.77 -14.03
CA ILE B 189 -8.76 5.51 -13.43
C ILE B 189 -7.77 4.42 -13.82
N LEU B 190 -7.24 3.74 -12.81
CA LEU B 190 -6.19 2.76 -13.03
C LEU B 190 -6.46 1.39 -12.41
N ILE B 191 -5.95 0.37 -13.07
CA ILE B 191 -5.77 -0.93 -12.44
C ILE B 191 -4.33 -1.31 -12.67
N ASN B 192 -3.71 -1.94 -11.67
CA ASN B 192 -2.35 -2.46 -11.80
C ASN B 192 -1.35 -1.34 -12.12
N GLY B 193 -1.67 -0.12 -11.71
CA GLY B 193 -0.82 1.02 -12.02
C GLY B 193 -0.85 1.53 -13.46
N TYR B 194 -1.79 1.06 -14.27
CA TYR B 194 -1.95 1.52 -15.66
C TYR B 194 -3.28 2.20 -15.85
N LEU B 195 -3.26 3.31 -16.59
CA LEU B 195 -4.47 4.03 -16.96
C LEU B 195 -5.39 3.13 -17.76
N ILE B 196 -6.67 3.08 -17.39
CA ILE B 196 -7.62 2.32 -18.20
C ILE B 196 -8.91 3.10 -18.47
N ALA B 197 -9.20 4.11 -17.66
CA ALA B 197 -10.45 4.83 -17.76
C ALA B 197 -10.37 6.24 -17.20
N GLN B 198 -11.42 7.01 -17.45
CA GLN B 198 -11.58 8.33 -16.85
C GLN B 198 -12.92 8.40 -16.17
N GLY B 199 -13.04 9.26 -15.18
CA GLY B 199 -14.23 9.24 -14.37
C GLY B 199 -14.54 10.61 -13.83
N GLU B 200 -15.83 10.83 -13.55
CA GLU B 200 -16.30 12.10 -13.03
C GLU B 200 -17.03 11.83 -11.72
N VAL B 201 -16.74 12.63 -10.69
CA VAL B 201 -17.35 12.39 -9.38
C VAL B 201 -18.77 12.90 -9.36
N VAL B 202 -19.71 12.01 -9.05
CA VAL B 202 -21.13 12.31 -9.10
C VAL B 202 -21.79 12.25 -7.72
N VAL B 203 -23.03 12.74 -7.66
CA VAL B 203 -23.83 12.73 -6.42
C VAL B 203 -25.32 12.53 -6.68
N VAL B 204 -25.96 11.75 -5.81
CA VAL B 204 -27.41 11.62 -5.72
C VAL B 204 -27.71 11.33 -4.25
N ALA B 205 -28.45 12.22 -3.60
CA ALA B 205 -28.57 12.22 -2.13
C ALA B 205 -27.19 12.33 -1.50
N ASP B 206 -26.94 11.59 -0.43
CA ASP B 206 -25.62 11.56 0.19
C ASP B 206 -24.75 10.44 -0.40
N LYS B 207 -25.03 10.08 -1.66
CA LYS B 207 -24.33 8.98 -2.33
C LYS B 207 -23.38 9.47 -3.43
N TYR B 208 -22.08 9.40 -3.15
CA TYR B 208 -21.05 9.76 -4.12
C TYR B 208 -20.72 8.58 -5.01
N GLY B 209 -20.34 8.88 -6.25
CA GLY B 209 -19.92 7.86 -7.18
C GLY B 209 -18.95 8.39 -8.21
N VAL B 210 -18.35 7.50 -8.98
CA VAL B 210 -17.48 7.90 -10.07
C VAL B 210 -18.07 7.30 -11.32
N ARG B 211 -18.45 8.14 -12.27
CA ARG B 211 -19.09 7.59 -13.44
C ARG B 211 -18.09 7.62 -14.57
N ILE B 212 -17.99 6.50 -15.27
CA ILE B 212 -17.00 6.35 -16.33
C ILE B 212 -17.35 7.26 -17.47
N THR B 213 -16.43 8.17 -17.80
CA THR B 213 -16.63 8.98 -18.98
C THR B 213 -15.98 8.27 -20.17
N ASP B 214 -14.73 7.84 -20.02
CA ASP B 214 -14.03 7.10 -21.06
CA ASP B 214 -14.04 7.09 -21.07
C ASP B 214 -13.37 5.85 -20.49
N ILE B 215 -13.08 4.88 -21.34
CA ILE B 215 -12.50 3.62 -20.91
C ILE B 215 -12.00 2.87 -22.12
N ILE B 216 -10.88 2.15 -22.00
CA ILE B 216 -10.34 1.40 -23.14
C ILE B 216 -11.09 0.09 -23.33
N THR B 217 -10.71 -0.66 -24.36
CA THR B 217 -11.40 -1.91 -24.70
C THR B 217 -11.14 -2.97 -23.62
N PRO B 218 -12.03 -3.98 -23.52
CA PRO B 218 -11.78 -5.01 -22.50
C PRO B 218 -10.52 -5.77 -22.82
N SER B 219 -10.23 -5.99 -24.09
CA SER B 219 -8.99 -6.64 -24.47
C SER B 219 -7.78 -5.88 -23.94
N GLU B 220 -7.84 -4.56 -23.99
CA GLU B 220 -6.73 -3.77 -23.52
C GLU B 220 -6.74 -3.63 -21.98
N ARG B 221 -7.91 -3.74 -21.36
CA ARG B 221 -7.99 -3.80 -19.91
C ARG B 221 -7.34 -5.08 -19.39
N ARG B 223 -5.19 -6.71 -20.76
CA ARG B 223 -3.79 -6.68 -21.10
C ARG B 223 -3.00 -5.88 -20.07
N ARG B 224 -3.55 -4.71 -19.72
CA ARG B 224 -3.03 -3.87 -18.64
C ARG B 224 -2.88 -4.68 -17.36
N LEU B 225 -3.93 -5.40 -17.03
CA LEU B 225 -4.00 -6.13 -15.79
C LEU B 225 -2.86 -7.13 -15.65
N SER B 226 -2.40 -7.67 -16.78
CA SER B 226 -1.45 -8.76 -16.77
C SER B 226 -0.06 -8.27 -17.12
N ARG B 227 0.07 -6.99 -17.44
CA ARG B 227 1.36 -6.44 -17.89
C ARG B 227 2.40 -6.51 -16.77
N VAL C 1 12.13 -6.84 28.42
CA VAL C 1 12.48 -5.58 27.78
C VAL C 1 12.80 -5.75 26.27
N PHE C 2 12.38 -4.76 25.47
CA PHE C 2 12.48 -4.76 24.01
C PHE C 2 13.91 -4.84 23.47
N GLN C 3 14.21 -5.92 22.74
CA GLN C 3 15.42 -5.99 21.93
C GLN C 3 15.06 -5.79 20.45
N GLN C 4 15.77 -4.88 19.79
CA GLN C 4 15.41 -4.54 18.41
C GLN C 4 15.97 -5.53 17.39
N LEU C 5 15.09 -5.96 16.50
CA LEU C 5 15.41 -6.92 15.45
C LEU C 5 15.76 -6.21 14.15
N GLY C 6 16.32 -6.97 13.21
CA GLY C 6 16.63 -6.46 11.88
C GLY C 6 17.93 -5.69 11.83
N GLY D 1 27.71 -12.72 -8.93
CA GLY D 1 26.48 -12.96 -8.21
C GLY D 1 26.74 -13.18 -6.74
N ALA D 2 26.38 -14.34 -6.20
CA ALA D 2 25.66 -15.40 -6.92
C ALA D 2 24.85 -16.24 -5.92
N LEU D 3 24.12 -15.56 -5.05
CA LEU D 3 23.18 -16.22 -4.14
C LEU D 3 21.76 -16.06 -4.65
N ASP D 4 21.64 -15.56 -5.87
CA ASP D 4 20.35 -15.42 -6.52
C ASP D 4 19.66 -16.78 -6.61
N ASP D 5 20.47 -17.84 -6.75
CA ASP D 5 19.94 -19.19 -6.89
C ASP D 5 19.33 -19.78 -5.61
N LEU D 6 19.34 -19.02 -4.52
CA LEU D 6 18.65 -19.48 -3.33
C LEU D 6 17.17 -19.23 -3.44
N TRP D 7 16.82 -18.02 -3.88
CA TRP D 7 15.45 -17.53 -3.84
C TRP D 7 14.58 -18.13 -4.95
N ALA D 8 15.05 -18.01 -6.19
CA ALA D 8 14.37 -18.60 -7.36
C ALA D 8 13.94 -20.05 -7.11
N ASP D 9 12.63 -20.32 -7.18
CA ASP D 9 11.62 -19.33 -7.55
C ASP D 9 11.23 -18.37 -6.42
N UNK E 1 -4.56 28.02 1.48
CA UNK E 1 -5.02 28.81 0.33
C UNK E 1 -5.98 28.00 -0.56
N UNK E 2 -6.23 26.74 -0.18
CA UNK E 2 -7.12 25.89 -0.95
C UNK E 2 -8.53 26.47 -0.90
N UNK E 3 -9.09 26.73 -2.06
CA UNK E 3 -10.49 27.14 -2.11
C UNK E 3 -11.40 25.96 -1.82
N UNK E 4 -11.46 25.05 -2.78
CA UNK E 4 -12.72 24.35 -3.04
C UNK E 4 -12.96 23.05 -2.32
N UNK E 5 -13.72 22.21 -3.03
CA UNK E 5 -13.84 20.78 -2.80
C UNK E 5 -13.99 20.22 -4.19
N UNK E 6 -13.00 19.44 -4.65
CA UNK E 6 -13.03 18.85 -5.97
C UNK E 6 -12.91 17.32 -5.92
#